data_6M8U
#
_entry.id   6M8U
#
_cell.length_a   98.720
_cell.length_b   98.720
_cell.length_c   98.720
_cell.angle_alpha   90.00
_cell.angle_beta   90.00
_cell.angle_gamma   90.00
#
_symmetry.space_group_name_H-M   'I 2 3'
#
loop_
_entity.id
_entity.type
_entity.pdbx_description
1 polymer 'Flavin prenyltransferase UbiX'
2 non-polymer '1-deoxy-5-O-phosphono-1-(3,3,4,5-tetramethyl-9,11-dioxo-2,3,8,9,10,11-hexahydro-7H-quinolino[1,8-fg]pteridin-12-ium-7-y l)-D-ribitol'
3 non-polymer 'PHOSPHATE ION'
4 water water
#
_entity_poly.entity_id   1
_entity_poly.type   'polypeptide(L)'
_entity_poly.pdbx_seq_one_letter_code
;ENLYFQGMRFVVALTGASGQILGIRLIEKLTELGAEVYAVASRAAKITLKAETDYDEGYVREIATKYYDEDEIAAPFASG
SFRHDGMAVVPCSIKTASSIAYGIADNLIARAADVTLKEKRRLVLAIREAPLHSGHLKTLARLAEMGAVIFPPVLSFYTR
PKSVDDLIEHTVSRIAEQLGVEVDYRRWG
;
_entity_poly.pdbx_strand_id   A
#
# COMPACT_ATOMS: atom_id res chain seq x y z
N GLY A 7 9.15 17.52 -6.81
CA GLY A 7 8.23 17.27 -5.73
C GLY A 7 7.23 16.17 -6.06
N MET A 8 7.54 14.95 -5.67
CA MET A 8 6.67 13.82 -5.93
C MET A 8 5.76 13.52 -4.74
N ARG A 9 4.49 13.27 -5.02
CA ARG A 9 3.50 12.97 -3.97
C ARG A 9 2.89 11.58 -4.17
N PHE A 10 2.80 10.82 -3.09
CA PHE A 10 2.26 9.47 -3.16
C PHE A 10 1.20 9.16 -2.11
N VAL A 11 0.17 8.43 -2.51
CA VAL A 11 -0.85 7.96 -1.57
C VAL A 11 -0.41 6.61 -1.02
N VAL A 12 -0.44 6.45 0.31
CA VAL A 12 -0.18 5.13 0.91
C VAL A 12 -1.35 4.78 1.83
N ALA A 13 -1.98 3.63 1.59
CA ALA A 13 -3.13 3.19 2.34
C ALA A 13 -2.80 1.91 3.10
N LEU A 14 -3.17 1.87 4.38
CA LEU A 14 -3.07 0.67 5.19
C LEU A 14 -4.47 0.07 5.33
N THR A 15 -4.59 -1.24 5.07
CA THR A 15 -5.88 -1.93 5.22
C THR A 15 -5.73 -3.10 6.18
N GLY A 16 -6.87 -3.76 6.44
CA GLY A 16 -6.98 -4.71 7.53
C GLY A 16 -6.40 -6.08 7.27
N ALA A 17 -5.14 -6.13 6.89
CA ALA A 17 -4.41 -7.37 6.79
C ALA A 17 -3.21 -7.30 7.73
N SER A 18 -2.69 -8.46 8.10
CA SER A 18 -1.47 -8.51 8.88
C SER A 18 -0.34 -7.85 8.10
N GLY A 19 0.57 -7.22 8.84
CA GLY A 19 1.69 -6.56 8.21
C GLY A 19 1.59 -5.05 8.23
N GLN A 20 0.91 -4.50 9.25
CA GLN A 20 0.81 -3.05 9.39
C GLN A 20 2.18 -2.39 9.37
N ILE A 21 3.20 -3.07 9.92
CA ILE A 21 4.55 -2.51 9.97
C ILE A 21 5.08 -2.21 8.57
N LEU A 22 4.62 -2.96 7.56
CA LEU A 22 5.10 -2.74 6.20
C LEU A 22 4.66 -1.38 5.68
N GLY A 23 3.43 -0.99 5.99
CA GLY A 23 2.95 0.29 5.50
C GLY A 23 3.55 1.45 6.26
N ILE A 24 3.73 1.28 7.58
CA ILE A 24 4.40 2.29 8.39
C ILE A 24 5.80 2.55 7.83
N ARG A 25 6.54 1.47 7.56
CA ARG A 25 7.93 1.63 7.11
C ARG A 25 8.00 2.19 5.71
N LEU A 26 7.04 1.84 4.83
CA LEU A 26 7.02 2.46 3.51
C LEU A 26 6.80 3.97 3.62
N ILE A 27 5.91 4.39 4.52
CA ILE A 27 5.69 5.82 4.72
C ILE A 27 6.97 6.49 5.21
N GLU A 28 7.67 5.84 6.13
CA GLU A 28 8.93 6.41 6.62
C GLU A 28 9.96 6.50 5.50
N LYS A 29 10.08 5.47 4.67
CA LYS A 29 11.09 5.50 3.62
C LYS A 29 10.80 6.58 2.59
N LEU A 30 9.56 6.62 2.09
CA LEU A 30 9.20 7.66 1.12
C LEU A 30 9.38 9.04 1.72
N THR A 31 9.06 9.21 3.00
CA THR A 31 9.29 10.51 3.66
C THR A 31 10.79 10.84 3.73
N GLU A 32 11.59 9.84 4.10
CA GLU A 32 13.04 9.97 4.14
C GLU A 32 13.60 10.48 2.82
N LEU A 33 13.12 9.91 1.71
CA LEU A 33 13.58 10.27 0.37
C LEU A 33 13.00 11.59 -0.13
N GLY A 34 12.23 12.30 0.70
CA GLY A 34 11.77 13.62 0.35
C GLY A 34 10.50 13.68 -0.45
N ALA A 35 9.73 12.60 -0.54
CA ALA A 35 8.42 12.67 -1.14
C ALA A 35 7.39 13.02 -0.08
N GLU A 36 6.28 13.59 -0.54
CA GLU A 36 5.09 13.74 0.31
C GLU A 36 4.29 12.45 0.28
N VAL A 37 3.72 12.09 1.42
CA VAL A 37 2.87 10.90 1.50
C VAL A 37 1.53 11.33 2.05
N TYR A 38 0.47 11.05 1.31
CA TYR A 38 -0.90 11.21 1.78
C TYR A 38 -1.35 9.84 2.28
N ALA A 39 -1.58 9.70 3.58
CA ALA A 39 -1.82 8.41 4.20
C ALA A 39 -3.30 8.24 4.54
N VAL A 40 -3.79 7.01 4.39
CA VAL A 40 -5.14 6.60 4.76
C VAL A 40 -5.03 5.27 5.48
N ALA A 41 -5.70 5.14 6.62
CA ALA A 41 -5.78 3.85 7.30
C ALA A 41 -7.25 3.51 7.50
N SER A 42 -7.62 2.28 7.10
CA SER A 42 -8.98 1.82 7.30
C SER A 42 -9.21 1.49 8.78
N ARG A 43 -10.50 1.33 9.13
CA ARG A 43 -10.84 0.93 10.50
C ARG A 43 -10.20 -0.40 10.87
N ALA A 44 -10.32 -1.39 9.98
CA ALA A 44 -9.74 -2.70 10.24
C ALA A 44 -8.22 -2.63 10.39
N ALA A 45 -7.56 -1.73 9.65
CA ALA A 45 -6.12 -1.55 9.80
C ALA A 45 -5.77 -0.99 11.17
N LYS A 46 -6.60 -0.12 11.72
CA LYS A 46 -6.34 0.40 13.06
C LYS A 46 -6.53 -0.70 14.10
N ILE A 47 -7.53 -1.56 13.92
CA ILE A 47 -7.72 -2.71 14.80
C ILE A 47 -6.53 -3.65 14.71
N THR A 48 -6.03 -3.89 13.50
CA THR A 48 -4.88 -4.78 13.34
C THR A 48 -3.62 -4.17 13.93
N LEU A 49 -3.39 -2.88 13.69
CA LEU A 49 -2.26 -2.19 14.31
C LEU A 49 -2.24 -2.40 15.82
N LYS A 50 -3.39 -2.28 16.45
CA LYS A 50 -3.50 -2.47 17.90
C LYS A 50 -3.15 -3.90 18.31
N ALA A 51 -3.64 -4.88 17.56
CA ALA A 51 -3.38 -6.28 17.86
C ALA A 51 -1.94 -6.67 17.55
N GLU A 52 -1.33 -6.00 16.58
CA GLU A 52 -0.09 -6.48 15.97
C GLU A 52 1.16 -5.77 16.47
N THR A 53 1.03 -4.49 16.74
CA THR A 53 2.15 -3.66 17.17
C THR A 53 1.89 -3.01 18.53
N ASP A 54 2.85 -2.21 18.97
CA ASP A 54 2.73 -1.30 20.09
C ASP A 54 2.79 0.16 19.64
N TYR A 55 2.75 0.36 18.32
CA TYR A 55 2.85 1.70 17.74
C TYR A 55 1.69 2.61 18.16
N ASP A 56 2.01 3.88 18.38
CA ASP A 56 1.00 4.84 18.79
C ASP A 56 -0.12 4.88 17.74
N GLU A 57 -1.35 4.91 18.24
CA GLU A 57 -2.52 4.93 17.38
C GLU A 57 -2.52 6.12 16.42
N GLY A 58 -1.82 7.20 16.77
CA GLY A 58 -1.71 8.36 15.91
C GLY A 58 -0.36 8.48 15.22
N TYR A 59 0.42 7.39 15.22
CA TYR A 59 1.75 7.46 14.64
C TYR A 59 1.71 7.65 13.13
N VAL A 60 0.76 7.00 12.45
CA VAL A 60 0.65 7.14 11.01
C VAL A 60 0.34 8.59 10.64
N ARG A 61 -0.63 9.20 11.34
CA ARG A 61 -0.91 10.61 11.12
C ARG A 61 0.31 11.46 11.38
N GLU A 62 1.13 11.09 12.37
CA GLU A 62 2.35 11.83 12.67
C GLU A 62 3.31 11.85 11.50
N ILE A 63 3.64 10.69 10.95
CA ILE A 63 4.71 10.63 9.94
C ILE A 63 4.22 11.02 8.54
N ALA A 64 2.91 11.08 8.30
CA ALA A 64 2.41 11.41 6.98
C ALA A 64 2.43 12.91 6.75
N THR A 65 2.57 13.31 5.48
CA THR A 65 2.40 14.70 5.11
C THR A 65 0.98 15.18 5.42
N LYS A 66 -0.01 14.40 5.02
CA LYS A 66 -1.41 14.63 5.34
C LYS A 66 -2.07 13.29 5.56
N TYR A 67 -2.97 13.23 6.54
CA TYR A 67 -3.65 12.00 6.92
C TYR A 67 -5.17 12.12 6.71
N TYR A 68 -5.78 11.03 6.24
CA TYR A 68 -7.22 10.94 6.03
C TYR A 68 -7.75 9.62 6.58
N ASP A 69 -8.96 9.67 7.14
CA ASP A 69 -9.61 8.42 7.50
C ASP A 69 -10.39 7.90 6.29
N GLU A 70 -10.75 6.62 6.34
CA GLU A 70 -11.28 5.98 5.15
C GLU A 70 -12.65 6.52 4.73
N ASP A 71 -13.35 7.23 5.61
CA ASP A 71 -14.64 7.81 5.28
C ASP A 71 -14.53 9.21 4.67
N GLU A 72 -13.32 9.73 4.49
CA GLU A 72 -13.14 11.07 3.92
C GLU A 72 -13.21 11.00 2.39
N ILE A 73 -14.39 10.61 1.91
CA ILE A 73 -14.59 10.28 0.51
C ILE A 73 -14.47 11.49 -0.39
N ALA A 74 -14.41 12.69 0.18
CA ALA A 74 -14.23 13.92 -0.60
C ALA A 74 -12.79 14.42 -0.55
N ALA A 75 -11.84 13.59 -0.09
CA ALA A 75 -10.44 13.96 -0.06
C ALA A 75 -9.97 14.33 -1.48
N PRO A 76 -8.87 15.08 -1.58
CA PRO A 76 -8.47 15.61 -2.90
C PRO A 76 -8.24 14.54 -3.96
N PHE A 77 -7.59 13.43 -3.60
CA PHE A 77 -7.29 12.40 -4.58
C PHE A 77 -8.48 11.47 -4.85
N ALA A 78 -9.68 11.80 -4.37
CA ALA A 78 -10.89 11.12 -4.84
C ALA A 78 -11.31 11.57 -6.23
N SER A 79 -10.59 12.51 -6.81
CA SER A 79 -10.83 12.99 -8.15
C SER A 79 -9.57 12.81 -8.98
N GLY A 80 -9.76 12.46 -10.26
CA GLY A 80 -8.63 12.32 -11.14
C GLY A 80 -8.00 13.65 -11.52
N SER A 81 -8.72 14.75 -11.30
CA SER A 81 -8.15 16.07 -11.59
C SER A 81 -7.09 16.48 -10.58
N PHE A 82 -6.98 15.78 -9.45
CA PHE A 82 -5.91 16.01 -8.49
C PHE A 82 -4.71 15.17 -8.88
N ARG A 83 -3.54 15.79 -8.92
CA ARG A 83 -2.36 15.11 -9.44
C ARG A 83 -1.58 14.45 -8.31
N HIS A 84 -1.16 13.21 -8.54
CA HIS A 84 -0.17 12.56 -7.70
C HIS A 84 0.56 11.51 -8.53
N ASP A 85 1.60 10.92 -7.94
CA ASP A 85 2.52 10.08 -8.68
C ASP A 85 2.36 8.59 -8.42
N GLY A 86 1.36 8.18 -7.65
CA GLY A 86 1.16 6.76 -7.47
C GLY A 86 0.58 6.46 -6.10
N MET A 87 0.06 5.24 -5.98
CA MET A 87 -0.58 4.79 -4.76
C MET A 87 -0.13 3.39 -4.43
N ALA A 88 0.11 3.13 -3.16
CA ALA A 88 0.43 1.80 -2.66
C ALA A 88 -0.56 1.46 -1.55
N VAL A 89 -1.09 0.24 -1.57
CA VAL A 89 -1.90 -0.26 -0.48
C VAL A 89 -1.09 -1.34 0.21
N VAL A 90 -0.61 -1.05 1.41
CA VAL A 90 0.37 -1.90 2.11
C VAL A 90 0.06 -1.90 3.59
N PRO A 91 -0.36 -3.02 4.17
CA PRO A 91 -0.65 -4.28 3.48
C PRO A 91 -2.03 -4.16 2.85
N CYS A 92 -2.36 -4.99 1.85
CA CYS A 92 -3.65 -4.95 1.18
C CYS A 92 -4.44 -6.21 1.52
N SER A 93 -5.63 -6.03 2.12
CA SER A 93 -6.52 -7.14 2.39
C SER A 93 -7.18 -7.64 1.09
N ILE A 94 -7.70 -8.88 1.14
CA ILE A 94 -8.52 -9.37 0.03
C ILE A 94 -9.70 -8.45 -0.20
N LYS A 95 -10.32 -7.97 0.88
CA LYS A 95 -11.52 -7.13 0.75
C LYS A 95 -11.21 -5.87 -0.05
N THR A 96 -10.09 -5.19 0.25
CA THR A 96 -9.77 -3.97 -0.49
C THR A 96 -9.32 -4.30 -1.92
N ALA A 97 -8.46 -5.30 -2.10
CA ALA A 97 -8.09 -5.65 -3.47
C ALA A 97 -9.32 -5.97 -4.31
N SER A 98 -10.28 -6.70 -3.73
CA SER A 98 -11.48 -7.09 -4.47
C SER A 98 -12.39 -5.92 -4.71
N SER A 99 -12.51 -5.01 -3.73
CA SER A 99 -13.30 -3.80 -3.93
C SER A 99 -12.76 -2.99 -5.10
N ILE A 100 -11.44 -2.86 -5.19
CA ILE A 100 -10.84 -2.16 -6.31
C ILE A 100 -11.12 -2.90 -7.62
N ALA A 101 -10.92 -4.22 -7.61
CA ALA A 101 -11.05 -4.99 -8.85
C ALA A 101 -12.43 -4.81 -9.45
N TYR A 102 -13.46 -4.81 -8.62
CA TYR A 102 -14.84 -4.89 -9.12
C TYR A 102 -15.56 -3.56 -8.99
N GLY A 103 -14.87 -2.49 -8.61
CA GLY A 103 -15.47 -1.17 -8.60
C GLY A 103 -16.34 -0.86 -7.41
N ILE A 104 -16.28 -1.68 -6.34
CA ILE A 104 -17.04 -1.41 -5.13
C ILE A 104 -16.28 -0.34 -4.35
N ALA A 105 -16.28 0.88 -4.86
CA ALA A 105 -15.39 1.92 -4.34
C ALA A 105 -16.11 2.70 -3.24
N ASP A 106 -16.37 2.00 -2.13
CA ASP A 106 -17.25 2.51 -1.09
C ASP A 106 -16.49 3.17 0.06
N ASN A 107 -15.18 3.34 -0.05
CA ASN A 107 -14.47 4.18 0.89
C ASN A 107 -13.33 4.89 0.14
N LEU A 108 -12.62 5.75 0.87
CA LEU A 108 -11.58 6.57 0.24
C LEU A 108 -10.46 5.71 -0.34
N ILE A 109 -10.12 4.61 0.33
CA ILE A 109 -9.03 3.78 -0.15
C ILE A 109 -9.37 3.18 -1.50
N ALA A 110 -10.53 2.54 -1.62
CA ALA A 110 -10.89 1.90 -2.88
C ALA A 110 -11.12 2.94 -3.96
N ARG A 111 -11.71 4.08 -3.60
CA ARG A 111 -11.96 5.13 -4.60
C ARG A 111 -10.65 5.75 -5.07
N ALA A 112 -9.73 6.03 -4.14
CA ALA A 112 -8.43 6.59 -4.53
C ALA A 112 -7.67 5.62 -5.45
N ALA A 113 -7.76 4.32 -5.18
CA ALA A 113 -7.06 3.36 -6.02
C ALA A 113 -7.71 3.27 -7.39
N ASP A 114 -9.05 3.35 -7.43
CA ASP A 114 -9.74 3.34 -8.71
C ASP A 114 -9.38 4.57 -9.53
N VAL A 115 -9.29 5.74 -8.88
CA VAL A 115 -8.88 6.97 -9.54
C VAL A 115 -7.45 6.85 -10.04
N THR A 116 -6.58 6.24 -9.24
CA THR A 116 -5.21 5.98 -9.70
C THR A 116 -5.21 5.16 -10.98
N LEU A 117 -6.01 4.09 -11.01
CA LEU A 117 -6.05 3.21 -12.18
C LEU A 117 -6.66 3.91 -13.40
N LYS A 118 -7.78 4.62 -13.24
CA LYS A 118 -8.41 5.18 -14.44
C LYS A 118 -7.55 6.27 -15.09
N GLU A 119 -6.73 6.97 -14.30
CA GLU A 119 -5.79 7.96 -14.81
C GLU A 119 -4.45 7.35 -15.20
N LYS A 120 -4.36 6.02 -15.22
CA LYS A 120 -3.16 5.26 -15.60
C LYS A 120 -1.92 5.69 -14.80
N ARG A 121 -2.13 5.94 -13.51
CA ARG A 121 -1.02 6.10 -12.58
C ARG A 121 -0.68 4.74 -11.96
N ARG A 122 0.47 4.69 -11.29
CA ARG A 122 0.97 3.43 -10.74
C ARG A 122 0.21 3.06 -9.46
N LEU A 123 -0.26 1.81 -9.38
CA LEU A 123 -0.92 1.31 -8.17
C LEU A 123 -0.26 0.01 -7.78
N VAL A 124 0.22 -0.09 -6.54
CA VAL A 124 0.91 -1.29 -6.05
C VAL A 124 0.10 -1.86 -4.89
N LEU A 125 -0.29 -3.13 -4.99
CA LEU A 125 -1.12 -3.78 -3.98
C LEU A 125 -0.31 -4.89 -3.30
N ALA A 126 0.01 -4.68 -2.01
CA ALA A 126 0.77 -5.66 -1.24
C ALA A 126 -0.20 -6.66 -0.62
N ILE A 127 -0.78 -7.47 -1.50
CA ILE A 127 -1.76 -8.48 -1.12
C ILE A 127 -1.20 -9.48 -0.13
N ARG A 128 -1.83 -9.57 1.02
CA ARG A 128 -1.38 -10.52 2.03
C ARG A 128 -2.56 -11.45 2.35
N GLU A 129 -2.53 -12.63 1.75
CA GLU A 129 -3.45 -13.71 2.09
C GLU A 129 -2.84 -14.98 1.56
N ALA A 130 -3.07 -16.09 2.28
CA ALA A 130 -2.61 -17.41 1.86
C ALA A 130 -3.40 -18.47 2.61
N PRO A 131 -3.86 -19.53 1.95
CA PRO A 131 -3.85 -19.74 0.50
C PRO A 131 -4.67 -18.71 -0.24
N LEU A 132 -4.46 -18.65 -1.56
CA LEU A 132 -5.31 -17.91 -2.47
C LEU A 132 -6.09 -18.95 -3.25
N HIS A 133 -7.42 -18.87 -3.15
CA HIS A 133 -8.33 -19.75 -3.88
C HIS A 133 -8.57 -19.21 -5.29
N SER A 134 -9.24 -19.98 -6.13
CA SER A 134 -9.42 -19.57 -7.53
C SER A 134 -10.21 -18.27 -7.65
N GLY A 135 -11.09 -17.95 -6.70
CA GLY A 135 -11.76 -16.66 -6.78
C GLY A 135 -10.82 -15.50 -6.53
N HIS A 136 -9.92 -15.65 -5.56
CA HIS A 136 -8.89 -14.63 -5.33
C HIS A 136 -8.02 -14.46 -6.55
N LEU A 137 -7.63 -15.56 -7.17
CA LEU A 137 -6.67 -15.49 -8.27
C LEU A 137 -7.28 -14.82 -9.50
N LYS A 138 -8.55 -15.09 -9.78
CA LYS A 138 -9.23 -14.40 -10.86
C LYS A 138 -9.35 -12.91 -10.57
N THR A 139 -9.63 -12.55 -9.32
CA THR A 139 -9.66 -11.15 -8.92
C THR A 139 -8.31 -10.48 -9.14
N LEU A 140 -7.22 -11.16 -8.73
CA LEU A 140 -5.93 -10.53 -8.91
C LEU A 140 -5.59 -10.44 -10.38
N ALA A 141 -5.98 -11.44 -11.16
CA ALA A 141 -5.72 -11.34 -12.61
C ALA A 141 -6.48 -10.17 -13.22
N ARG A 142 -7.73 -9.95 -12.80
CA ARG A 142 -8.47 -8.79 -13.26
C ARG A 142 -7.76 -7.50 -12.89
N LEU A 143 -7.25 -7.41 -11.66
CA LEU A 143 -6.54 -6.23 -11.23
C LEU A 143 -5.29 -6.01 -12.05
N ALA A 144 -4.56 -7.09 -12.33
CA ALA A 144 -3.36 -6.98 -13.15
C ALA A 144 -3.69 -6.44 -14.54
N GLU A 145 -4.81 -6.92 -15.12
CA GLU A 145 -5.27 -6.42 -16.41
CA GLU A 145 -5.29 -6.42 -16.41
C GLU A 145 -5.61 -4.94 -16.36
N MET A 146 -6.18 -4.48 -15.24
CA MET A 146 -6.45 -3.06 -15.06
C MET A 146 -5.20 -2.24 -14.86
N GLY A 147 -4.04 -2.88 -14.65
CA GLY A 147 -2.79 -2.17 -14.55
C GLY A 147 -2.13 -2.18 -13.19
N ALA A 148 -2.74 -2.78 -12.18
CA ALA A 148 -2.17 -2.77 -10.84
C ALA A 148 -0.97 -3.70 -10.76
N VAL A 149 0.00 -3.32 -9.93
CA VAL A 149 1.11 -4.20 -9.57
C VAL A 149 0.66 -5.05 -8.38
N ILE A 150 0.71 -6.37 -8.55
CA ILE A 150 0.31 -7.34 -7.53
C ILE A 150 1.58 -7.83 -6.84
N PHE A 151 1.77 -7.46 -5.57
CA PHE A 151 3.01 -7.76 -4.84
C PHE A 151 2.71 -8.49 -3.53
N PRO A 152 2.59 -9.81 -3.55
CA PRO A 152 2.50 -10.55 -2.28
C PRO A 152 3.75 -10.29 -1.48
N PRO A 153 3.62 -9.93 -0.18
CA PRO A 153 4.85 -9.62 0.59
C PRO A 153 5.52 -10.90 1.07
N VAL A 154 6.21 -11.58 0.12
CA VAL A 154 6.73 -12.93 0.34
C VAL A 154 8.04 -12.86 1.08
N LEU A 155 8.31 -13.89 1.88
CA LEU A 155 9.61 -14.05 2.50
C LEU A 155 10.70 -14.12 1.43
N SER A 156 11.80 -13.42 1.68
CA SER A 156 12.94 -13.39 0.78
C SER A 156 14.19 -13.62 1.60
N PHE A 157 15.09 -14.46 1.10
CA PHE A 157 16.28 -14.79 1.85
C PHE A 157 17.58 -14.55 1.10
N TYR A 158 17.54 -14.19 -0.19
CA TYR A 158 18.80 -14.08 -0.93
C TYR A 158 19.64 -12.88 -0.52
N THR A 159 19.07 -12.03 0.33
CA THR A 159 19.79 -10.90 0.87
C THR A 159 20.39 -11.35 2.20
N ARG A 160 20.17 -12.60 2.58
CA ARG A 160 20.72 -13.10 3.84
C ARG A 160 20.34 -12.24 5.05
N PRO A 161 19.04 -12.13 5.33
CA PRO A 161 18.45 -11.40 6.46
C PRO A 161 18.68 -12.13 7.77
N LYS A 162 18.80 -11.33 8.83
CA LYS A 162 19.16 -11.86 10.13
C LYS A 162 18.14 -11.53 11.22
N SER A 163 17.25 -10.56 10.98
CA SER A 163 16.19 -10.23 11.92
C SER A 163 14.92 -9.95 11.14
N VAL A 164 13.84 -9.67 11.87
CA VAL A 164 12.58 -9.34 11.22
C VAL A 164 12.70 -8.00 10.49
N ASP A 165 13.47 -7.06 11.04
CA ASP A 165 13.62 -5.78 10.38
C ASP A 165 14.35 -5.90 9.04
N ASP A 166 15.27 -6.87 8.92
CA ASP A 166 15.92 -7.14 7.65
C ASP A 166 14.91 -7.52 6.57
N LEU A 167 13.97 -8.42 6.91
CA LEU A 167 12.95 -8.87 5.97
C LEU A 167 12.01 -7.74 5.59
N ILE A 168 11.61 -6.94 6.58
CA ILE A 168 10.73 -5.80 6.33
C ILE A 168 11.40 -4.80 5.39
N GLU A 169 12.70 -4.54 5.61
CA GLU A 169 13.41 -3.57 4.78
C GLU A 169 13.51 -4.01 3.32
N HIS A 170 13.78 -5.30 3.09
CA HIS A 170 13.83 -5.81 1.72
C HIS A 170 12.48 -5.66 1.03
N THR A 171 11.43 -6.09 1.71
CA THR A 171 10.10 -6.05 1.10
C THR A 171 9.65 -4.61 0.88
N VAL A 172 9.87 -3.73 1.85
CA VAL A 172 9.47 -2.34 1.68
C VAL A 172 10.25 -1.69 0.54
N SER A 173 11.54 -2.01 0.42
CA SER A 173 12.34 -1.49 -0.68
C SER A 173 11.81 -1.95 -2.03
N ARG A 174 11.56 -3.26 -2.16
CA ARG A 174 11.03 -3.78 -3.40
C ARG A 174 9.67 -3.16 -3.74
N ILE A 175 8.84 -2.89 -2.72
CA ILE A 175 7.56 -2.25 -3.03
C ILE A 175 7.77 -0.81 -3.51
N ALA A 176 8.72 -0.09 -2.90
CA ALA A 176 8.99 1.27 -3.33
C ALA A 176 9.42 1.33 -4.79
N GLU A 177 10.21 0.34 -5.24
CA GLU A 177 10.63 0.28 -6.63
C GLU A 177 9.45 0.12 -7.58
N GLN A 178 8.40 -0.56 -7.13
CA GLN A 178 7.21 -0.69 -7.96
C GLN A 178 6.51 0.65 -8.13
N LEU A 179 6.78 1.61 -7.27
CA LEU A 179 6.24 2.96 -7.43
C LEU A 179 7.08 3.83 -8.35
N GLY A 180 8.11 3.25 -8.97
CA GLY A 180 9.00 4.02 -9.81
C GLY A 180 10.01 4.82 -9.02
N VAL A 181 10.39 4.34 -7.85
CA VAL A 181 11.28 5.07 -6.95
C VAL A 181 12.67 4.45 -7.01
N GLU A 182 13.67 5.29 -7.28
CA GLU A 182 15.07 4.92 -7.04
C GLU A 182 15.28 4.72 -5.55
N VAL A 183 15.67 3.51 -5.15
CA VAL A 183 15.93 3.22 -3.74
C VAL A 183 17.28 2.56 -3.60
N ASP A 184 17.92 2.82 -2.47
CA ASP A 184 19.20 2.22 -2.11
C ASP A 184 18.90 1.08 -1.14
N TYR A 185 19.21 -0.15 -1.56
CA TYR A 185 19.10 -1.32 -0.70
C TYR A 185 19.93 -2.44 -1.29
N ARG A 186 20.15 -3.48 -0.48
CA ARG A 186 20.90 -4.61 -0.94
C ARG A 186 20.08 -5.24 -2.07
N ARG A 187 20.78 -5.57 -3.14
CA ARG A 187 20.17 -6.20 -4.31
C ARG A 187 20.98 -7.41 -4.75
N TRP A 188 20.36 -8.23 -5.61
CA TRP A 188 21.06 -9.38 -6.15
C TRP A 188 22.18 -8.92 -7.09
N GLY A 189 23.31 -9.62 -7.03
CA GLY A 189 24.48 -9.23 -7.79
C GLY A 189 24.76 -10.15 -8.96
#